data_6TXG
#
_entry.id   6TXG
#
_cell.length_a   67.708
_cell.length_b   67.708
_cell.length_c   107.314
_cell.angle_alpha   90.000
_cell.angle_beta   90.000
_cell.angle_gamma   90.000
#
_symmetry.space_group_name_H-M   'P 43 21 2'
#
loop_
_entity.id
_entity.type
_entity.pdbx_description
1 polymer 'Proteinase K'
2 non-polymer 'NITRATE ION'
3 non-polymer 1,2-ETHANEDIOL
4 non-polymer 'CALCIUM ION'
5 non-polymer "chlorido(1,2-diaminoethane-k2N,N')(1,4,7-trithiacyclononane-k3S,S',S'')ruthenium(II) trifluoromethanesulfonate"
6 non-polymer 'SODIUM ION'
7 non-polymer 'trifluoromethanesulfonic acid'
8 water water
#
_entity_poly.entity_id   1
_entity_poly.type   'polypeptide(L)'
_entity_poly.pdbx_seq_one_letter_code
;AAQTNAPWGLARISSTSPGTSTYYYDESAGQGSCVYVIDTGIEASHPEFEGRAQMVKTYYYSSRDGNGHGTHCAGTVGSR
TYGVAKKTQLFGVKVLDDNGSGQYSTIIAGMDFVASDKNNRNCPKGVVASLSLGGGYSSSVNSAAARLQSSGVMVAVAAG
NNNADARNYSPASEPSVCTVGASDRYDRRSSFSNYGSVLDIFGPGTDILSTWIGGSTRSISGTSMATPHVAGLAAYLMTL
GKTTAASACRYIADTANKGDLSNIPFGTVNLLAYNNYQA
;
_entity_poly.pdbx_strand_id   A
#
loop_
_chem_comp.id
_chem_comp.type
_chem_comp.name
_chem_comp.formula
CA non-polymer 'CALCIUM ION' 'Ca 2'
EDO non-polymer 1,2-ETHANEDIOL 'C2 H6 O2'
NA non-polymer 'SODIUM ION' 'Na 1'
NO3 non-polymer 'NITRATE ION' 'N O3 -1'
NYN non-polymer 'chlorido(1,2-diaminoethane-k2N,N')(1,4,7-trithiacyclononane-k3S,S',S'')ruthenium(II) trifluoromethanesulfonate' 'C8 H16 N2 Ru S3 -5'
TFS non-polymer 'trifluoromethanesulfonic acid' 'C H F3 O3 S'
#
# COMPACT_ATOMS: atom_id res chain seq x y z
N ALA A 1 18.30 -8.06 8.71
CA ALA A 1 18.78 -6.72 8.38
C ALA A 1 18.14 -5.68 9.31
N ALA A 2 18.79 -4.53 9.44
CA ALA A 2 18.30 -3.48 10.31
C ALA A 2 18.61 -2.14 9.67
N GLN A 3 17.62 -1.26 9.65
CA GLN A 3 17.79 0.12 9.19
C GLN A 3 17.64 1.03 10.41
N THR A 4 18.75 1.65 10.83
CA THR A 4 18.69 2.54 11.97
C THR A 4 18.07 3.88 11.58
N ASN A 5 17.44 4.52 12.55
CA ASN A 5 16.80 5.83 12.35
C ASN A 5 15.86 5.80 11.15
N ALA A 6 15.06 4.76 11.08
CA ALA A 6 14.11 4.60 10.00
C ALA A 6 12.91 5.51 10.22
N PRO A 7 12.16 5.81 9.16
CA PRO A 7 10.85 6.45 9.34
C PRO A 7 10.02 5.67 10.36
N TRP A 8 9.25 6.39 11.16
CA TRP A 8 8.56 5.75 12.28
C TRP A 8 7.67 4.60 11.83
N GLY A 9 7.05 4.72 10.66
CA GLY A 9 6.13 3.67 10.22
C GLY A 9 6.83 2.37 9.91
N LEU A 10 8.04 2.44 9.34
CA LEU A 10 8.83 1.23 9.12
C LEU A 10 9.22 0.60 10.45
N ALA A 11 9.73 1.42 11.39
CA ALA A 11 10.03 0.88 12.70
C ALA A 11 8.79 0.25 13.33
N ARG A 12 7.62 0.88 13.15
CA ARG A 12 6.42 0.37 13.81
C ARG A 12 6.03 -1.00 13.28
N ILE A 13 6.18 -1.23 11.98
CA ILE A 13 5.75 -2.51 11.46
C ILE A 13 6.68 -3.66 11.82
N SER A 14 7.86 -3.36 12.37
CA SER A 14 8.75 -4.42 12.86
C SER A 14 8.86 -4.44 14.37
N SER A 15 7.89 -3.88 15.08
CA SER A 15 7.94 -3.80 16.53
C SER A 15 6.59 -4.16 17.13
N THR A 16 6.61 -4.72 18.35
CA THR A 16 5.38 -4.94 19.11
C THR A 16 5.03 -3.75 20.00
N SER A 17 5.77 -2.65 19.89
CA SER A 17 5.52 -1.47 20.71
C SER A 17 5.75 -0.22 19.88
N PRO A 18 5.03 0.86 20.15
CA PRO A 18 5.30 2.13 19.49
C PRO A 18 6.56 2.77 20.06
N GLY A 19 7.11 3.72 19.30
CA GLY A 19 8.20 4.53 19.78
C GLY A 19 9.60 4.04 19.49
N THR A 20 9.76 2.99 18.69
CA THR A 20 11.10 2.53 18.34
C THR A 20 11.59 3.23 17.07
N SER A 21 12.87 3.03 16.76
CA SER A 21 13.47 3.74 15.64
C SER A 21 14.15 2.87 14.59
N THR A 22 14.31 1.58 14.83
CA THR A 22 14.99 0.70 13.88
C THR A 22 13.97 -0.16 13.16
N TYR A 23 14.09 -0.26 11.83
CA TYR A 23 13.28 -1.17 11.03
C TYR A 23 14.06 -2.46 10.85
N TYR A 24 13.55 -3.54 11.42
CA TYR A 24 14.16 -4.87 11.31
C TYR A 24 13.40 -5.67 10.26
N TYR A 25 14.13 -6.27 9.32
CA TYR A 25 13.48 -6.98 8.22
C TYR A 25 14.45 -8.01 7.65
N ASP A 26 13.89 -9.08 7.08
CA ASP A 26 14.71 -10.08 6.41
C ASP A 26 15.33 -9.50 5.15
N GLU A 27 16.61 -9.82 4.92
CA GLU A 27 17.35 -9.22 3.81
C GLU A 27 16.78 -9.56 2.45
N SER A 28 15.95 -10.61 2.34
CA SER A 28 15.33 -10.88 1.04
C SER A 28 14.53 -9.68 0.55
N ALA A 29 13.89 -8.95 1.46
CA ALA A 29 13.36 -7.60 1.19
C ALA A 29 12.39 -7.54 0.00
N GLY A 30 11.59 -8.58 -0.21
CA GLY A 30 10.67 -8.55 -1.32
C GLY A 30 11.27 -8.84 -2.68
N GLN A 31 12.52 -9.27 -2.76
CA GLN A 31 13.13 -9.61 -4.03
C GLN A 31 12.31 -10.69 -4.73
N GLY A 32 12.04 -10.50 -6.03
CA GLY A 32 11.26 -11.46 -6.79
C GLY A 32 9.77 -11.22 -6.80
N SER A 33 9.28 -10.31 -5.97
CA SER A 33 7.88 -9.89 -6.03
C SER A 33 7.77 -8.63 -6.88
N CYS A 34 6.54 -8.29 -7.23
CA CYS A 34 6.26 -7.10 -8.03
CA CYS A 34 6.32 -7.05 -7.97
C CYS A 34 5.06 -6.39 -7.44
N VAL A 35 5.14 -5.07 -7.35
CA VAL A 35 4.03 -4.26 -6.83
C VAL A 35 3.67 -3.23 -7.88
N TYR A 36 2.42 -3.25 -8.31
CA TYR A 36 1.87 -2.21 -9.16
C TYR A 36 1.31 -1.09 -8.28
N VAL A 37 1.74 0.13 -8.55
CA VAL A 37 1.26 1.30 -7.83
C VAL A 37 0.33 2.04 -8.78
N ILE A 38 -0.97 1.99 -8.50
CA ILE A 38 -2.01 2.52 -9.37
C ILE A 38 -2.38 3.89 -8.82
N ASP A 39 -1.91 4.96 -9.46
CA ASP A 39 -1.89 6.26 -8.82
C ASP A 39 -1.58 7.36 -9.84
N THR A 40 -0.86 8.40 -9.43
CA THR A 40 -0.49 9.51 -10.31
C THR A 40 0.76 9.25 -11.14
N GLY A 41 1.33 8.06 -11.06
CA GLY A 41 2.59 7.76 -11.70
C GLY A 41 3.69 7.54 -10.66
N ILE A 42 4.89 7.27 -11.15
CA ILE A 42 6.09 7.10 -10.32
C ILE A 42 7.23 7.80 -11.03
N GLU A 43 7.96 8.65 -10.32
CA GLU A 43 9.20 9.22 -10.85
C GLU A 43 10.27 8.13 -10.74
N ALA A 44 10.33 7.28 -11.76
CA ALA A 44 11.19 6.11 -11.69
C ALA A 44 12.67 6.47 -11.62
N SER A 45 13.05 7.66 -12.10
CA SER A 45 14.45 8.09 -12.05
C SER A 45 14.90 8.47 -10.65
N HIS A 46 14.01 8.53 -9.67
CA HIS A 46 14.42 8.91 -8.33
C HIS A 46 15.52 7.97 -7.85
N PRO A 47 16.64 8.48 -7.38
CA PRO A 47 17.72 7.58 -6.94
C PRO A 47 17.27 6.55 -5.91
N GLU A 48 16.27 6.87 -5.10
CA GLU A 48 15.79 5.96 -4.07
C GLU A 48 15.18 4.68 -4.64
N PHE A 49 14.83 4.65 -5.93
CA PHE A 49 14.28 3.43 -6.51
C PHE A 49 15.34 2.52 -7.10
N GLU A 50 16.57 3.01 -7.30
CA GLU A 50 17.72 2.17 -7.64
C GLU A 50 17.48 1.37 -8.92
N GLY A 51 16.72 1.92 -9.85
CA GLY A 51 16.46 1.23 -11.10
C GLY A 51 15.37 0.19 -11.03
N ARG A 52 14.73 0.02 -9.88
CA ARG A 52 13.72 -1.01 -9.70
C ARG A 52 12.30 -0.55 -10.02
N ALA A 53 12.11 0.71 -10.40
CA ALA A 53 10.79 1.23 -10.73
C ALA A 53 10.70 1.53 -12.22
N GLN A 54 9.51 1.35 -12.77
CA GLN A 54 9.29 1.75 -14.15
C GLN A 54 7.80 1.99 -14.36
N MET A 55 7.48 2.96 -15.21
CA MET A 55 6.11 3.17 -15.65
C MET A 55 5.76 2.12 -16.71
N VAL A 56 4.56 1.56 -16.59
CA VAL A 56 4.09 0.58 -17.57
C VAL A 56 2.83 1.01 -18.28
N LYS A 57 2.09 2.00 -17.78
CA LYS A 57 0.84 2.40 -18.43
C LYS A 57 0.47 3.78 -17.92
N THR A 58 -0.01 4.63 -18.83
CA THR A 58 -0.61 5.89 -18.46
C THR A 58 -1.91 6.09 -19.22
N TYR A 59 -2.87 6.73 -18.54
CA TYR A 59 -4.15 7.10 -19.15
C TYR A 59 -4.22 8.58 -19.44
N TYR A 60 -3.08 9.27 -19.41
CA TYR A 60 -3.02 10.69 -19.70
C TYR A 60 -1.94 10.98 -20.72
N TYR A 61 -1.69 12.27 -20.98
CA TYR A 61 -0.82 12.65 -22.07
C TYR A 61 0.61 12.18 -21.85
N SER A 62 1.04 12.08 -20.60
CA SER A 62 2.38 11.69 -20.25
C SER A 62 2.32 10.63 -19.16
N SER A 63 3.40 9.88 -19.03
CA SER A 63 3.56 8.94 -17.94
C SER A 63 4.21 9.57 -16.71
N ARG A 64 4.63 10.83 -16.82
CA ARG A 64 5.29 11.53 -15.72
C ARG A 64 4.33 11.73 -14.55
N ASP A 65 4.85 11.54 -13.34
CA ASP A 65 4.13 11.92 -12.13
C ASP A 65 4.32 13.42 -11.93
N GLY A 66 3.32 14.21 -12.34
CA GLY A 66 3.36 15.63 -12.14
C GLY A 66 2.80 16.08 -10.81
N ASN A 67 2.45 15.13 -9.94
CA ASN A 67 1.82 15.43 -8.66
C ASN A 67 2.72 15.12 -7.47
N GLY A 68 3.23 13.90 -7.38
CA GLY A 68 4.05 13.45 -6.26
C GLY A 68 3.42 12.32 -5.48
N HIS A 69 2.08 12.26 -5.43
CA HIS A 69 1.40 11.28 -4.59
C HIS A 69 1.81 9.86 -4.94
N GLY A 70 1.80 9.52 -6.23
CA GLY A 70 2.16 8.17 -6.63
C GLY A 70 3.61 7.83 -6.33
N THR A 71 4.50 8.80 -6.49
CA THR A 71 5.90 8.59 -6.16
C THR A 71 6.07 8.37 -4.65
N HIS A 72 5.31 9.11 -3.84
CA HIS A 72 5.37 8.93 -2.40
C HIS A 72 4.91 7.53 -2.01
N CYS A 73 3.76 7.09 -2.55
CA CYS A 73 3.26 5.76 -2.24
C CYS A 73 4.24 4.68 -2.69
N ALA A 74 4.77 4.80 -3.92
CA ALA A 74 5.73 3.83 -4.40
C ALA A 74 6.96 3.79 -3.49
N GLY A 75 7.38 4.95 -2.97
CA GLY A 75 8.51 4.97 -2.06
C GLY A 75 8.24 4.20 -0.78
N THR A 76 7.01 4.26 -0.26
CA THR A 76 6.69 3.51 0.94
C THR A 76 6.62 2.02 0.65
N VAL A 77 6.21 1.64 -0.55
CA VAL A 77 6.28 0.21 -0.91
C VAL A 77 7.72 -0.26 -0.95
N GLY A 78 8.58 0.45 -1.68
CA GLY A 78 9.82 -0.15 -2.09
C GLY A 78 11.03 0.72 -2.34
N SER A 79 11.04 1.98 -1.92
CA SER A 79 12.29 2.73 -2.00
C SER A 79 13.31 2.19 -1.01
N ARG A 80 14.58 2.48 -1.28
CA ARG A 80 15.65 2.03 -0.40
C ARG A 80 15.45 2.52 1.03
N THR A 81 15.31 3.83 1.22
CA THR A 81 15.27 4.40 2.56
C THR A 81 13.88 4.38 3.16
N TYR A 82 12.83 4.52 2.36
CA TYR A 82 11.49 4.74 2.87
C TYR A 82 10.57 3.55 2.68
N GLY A 83 11.06 2.47 2.09
CA GLY A 83 10.23 1.36 1.67
C GLY A 83 10.20 0.16 2.62
N VAL A 84 9.05 -0.52 2.63
CA VAL A 84 8.91 -1.76 3.39
C VAL A 84 9.66 -2.90 2.72
N ALA A 85 9.51 -3.03 1.40
CA ALA A 85 10.07 -4.13 0.62
C ALA A 85 11.13 -3.54 -0.31
N LYS A 86 12.36 -3.43 0.21
CA LYS A 86 13.39 -2.60 -0.39
C LYS A 86 13.97 -3.19 -1.67
N LYS A 87 13.64 -4.43 -2.02
CA LYS A 87 14.14 -5.04 -3.25
C LYS A 87 13.04 -5.47 -4.20
N THR A 88 11.78 -5.06 -3.97
CA THR A 88 10.72 -5.40 -4.90
C THR A 88 10.87 -4.61 -6.21
N GLN A 89 10.16 -5.08 -7.24
CA GLN A 89 10.03 -4.36 -8.50
C GLN A 89 8.76 -3.54 -8.47
N LEU A 90 8.84 -2.28 -8.87
CA LEU A 90 7.71 -1.36 -8.85
C LEU A 90 7.27 -1.04 -10.27
N PHE A 91 5.96 -1.13 -10.51
CA PHE A 91 5.37 -0.83 -11.81
C PHE A 91 4.33 0.26 -11.61
N GLY A 92 4.47 1.36 -12.36
CA GLY A 92 3.56 2.49 -12.23
C GLY A 92 2.46 2.46 -13.26
N VAL A 93 1.23 2.66 -12.80
CA VAL A 93 0.04 2.74 -13.66
C VAL A 93 -0.64 4.07 -13.32
N LYS A 94 -0.56 5.03 -14.25
CA LYS A 94 -1.06 6.39 -14.00
C LYS A 94 -2.53 6.47 -14.36
N VAL A 95 -3.41 6.29 -13.36
CA VAL A 95 -4.85 6.47 -13.52
C VAL A 95 -5.33 7.80 -13.00
N LEU A 96 -4.49 8.52 -12.25
CA LEU A 96 -4.86 9.82 -11.69
C LEU A 96 -4.08 10.90 -12.40
N ASP A 97 -4.74 12.03 -12.64
CA ASP A 97 -4.09 13.16 -13.29
C ASP A 97 -3.14 13.87 -12.33
N ASP A 98 -2.51 14.93 -12.81
CA ASP A 98 -1.49 15.60 -12.01
C ASP A 98 -2.07 16.44 -10.87
N ASN A 99 -3.38 16.57 -10.77
CA ASN A 99 -4.03 17.14 -9.60
C ASN A 99 -4.47 16.07 -8.62
N GLY A 100 -4.17 14.80 -8.90
CA GLY A 100 -4.54 13.70 -8.02
C GLY A 100 -5.93 13.15 -8.21
N SER A 101 -6.64 13.56 -9.26
CA SER A 101 -8.02 13.16 -9.51
C SER A 101 -8.09 12.20 -10.69
N GLY A 102 -9.14 11.40 -10.71
CA GLY A 102 -9.36 10.53 -11.87
C GLY A 102 -10.81 10.08 -11.94
N GLN A 103 -11.23 9.76 -13.16
CA GLN A 103 -12.56 9.23 -13.38
C GLN A 103 -12.60 7.75 -13.04
N TYR A 104 -13.74 7.30 -12.53
CA TYR A 104 -13.88 5.89 -12.17
C TYR A 104 -13.64 4.96 -13.36
N SER A 105 -14.10 5.34 -14.55
CA SER A 105 -13.86 4.49 -15.71
C SER A 105 -12.37 4.27 -15.95
N THR A 106 -11.55 5.31 -15.73
CA THR A 106 -10.12 5.20 -15.93
C THR A 106 -9.48 4.34 -14.84
N ILE A 107 -9.92 4.53 -13.59
CA ILE A 107 -9.40 3.71 -12.50
C ILE A 107 -9.73 2.23 -12.74
N ILE A 108 -10.95 1.95 -13.19
CA ILE A 108 -11.34 0.59 -13.53
C ILE A 108 -10.44 0.03 -14.62
N ALA A 109 -10.23 0.80 -15.70
CA ALA A 109 -9.37 0.34 -16.78
C ALA A 109 -7.97 0.00 -16.27
N GLY A 110 -7.43 0.83 -15.38
CA GLY A 110 -6.11 0.56 -14.83
C GLY A 110 -6.04 -0.75 -14.06
N MET A 111 -7.10 -1.05 -13.30
CA MET A 111 -7.14 -2.34 -12.60
C MET A 111 -7.18 -3.50 -13.58
N ASP A 112 -8.01 -3.40 -14.60
CA ASP A 112 -8.06 -4.47 -15.60
C ASP A 112 -6.72 -4.60 -16.31
N PHE A 113 -6.05 -3.48 -16.55
CA PHE A 113 -4.73 -3.52 -17.17
C PHE A 113 -3.76 -4.36 -16.35
N VAL A 114 -3.71 -4.13 -15.04
CA VAL A 114 -2.79 -4.88 -14.19
C VAL A 114 -3.10 -6.37 -14.24
N ALA A 115 -4.39 -6.73 -14.20
CA ALA A 115 -4.76 -8.14 -14.21
C ALA A 115 -4.20 -8.86 -15.43
N SER A 116 -4.10 -8.15 -16.55
CA SER A 116 -3.58 -8.76 -17.76
C SER A 116 -2.06 -8.59 -17.88
N ASP A 117 -1.55 -7.40 -17.58
CA ASP A 117 -0.12 -7.12 -17.74
C ASP A 117 0.74 -8.05 -16.89
N LYS A 118 0.25 -8.44 -15.71
CA LYS A 118 1.08 -9.27 -14.83
C LYS A 118 1.44 -10.58 -15.49
N ASN A 119 0.62 -11.05 -16.42
CA ASN A 119 0.91 -12.28 -17.16
C ASN A 119 2.08 -12.10 -18.12
N ASN A 120 2.60 -10.89 -18.30
CA ASN A 120 3.72 -10.62 -19.20
C ASN A 120 5.01 -10.35 -18.45
N ARG A 121 4.99 -10.38 -17.12
CA ARG A 121 6.14 -10.00 -16.30
C ARG A 121 6.65 -11.23 -15.56
N ASN A 122 7.95 -11.22 -15.24
CA ASN A 122 8.54 -12.24 -14.40
C ASN A 122 8.50 -11.76 -12.94
N CYS A 123 7.59 -12.34 -12.17
CA CYS A 123 7.35 -11.97 -10.77
C CYS A 123 7.23 -13.28 -9.99
N PRO A 124 8.33 -14.00 -9.82
CA PRO A 124 8.25 -15.37 -9.32
C PRO A 124 7.67 -15.48 -7.91
N LYS A 125 7.80 -14.45 -7.08
CA LYS A 125 7.26 -14.50 -5.74
C LYS A 125 5.85 -13.93 -5.65
N GLY A 126 5.29 -13.43 -6.73
CA GLY A 126 3.91 -12.98 -6.74
C GLY A 126 3.76 -11.49 -7.00
N VAL A 127 2.50 -11.09 -7.08
CA VAL A 127 2.12 -9.76 -7.58
C VAL A 127 1.17 -9.11 -6.58
N VAL A 128 1.42 -7.83 -6.30
CA VAL A 128 0.64 -7.01 -5.40
C VAL A 128 0.22 -5.76 -6.17
N ALA A 129 -0.94 -5.18 -5.81
CA ALA A 129 -1.35 -3.89 -6.34
C ALA A 129 -1.76 -2.99 -5.18
N SER A 130 -1.26 -1.77 -5.19
CA SER A 130 -1.51 -0.79 -4.14
C SER A 130 -2.37 0.32 -4.75
N LEU A 131 -3.55 0.54 -4.16
CA LEU A 131 -4.53 1.51 -4.67
CA LEU A 131 -4.54 1.49 -4.67
C LEU A 131 -4.81 2.55 -3.59
N SER A 132 -4.01 3.61 -3.59
CA SER A 132 -4.20 4.72 -2.66
C SER A 132 -5.12 5.77 -3.29
N LEU A 133 -6.38 5.38 -3.43
CA LEU A 133 -7.35 6.22 -4.11
C LEU A 133 -8.74 5.77 -3.69
N GLY A 134 -9.72 6.58 -4.03
CA GLY A 134 -11.09 6.19 -3.79
C GLY A 134 -12.02 7.37 -3.85
N GLY A 135 -13.30 7.05 -3.94
CA GLY A 135 -14.36 8.03 -3.91
C GLY A 135 -15.59 7.36 -3.32
N GLY A 136 -16.75 7.87 -3.67
CA GLY A 136 -17.99 7.34 -3.16
C GLY A 136 -18.27 5.93 -3.69
N TYR A 137 -19.26 5.29 -3.06
CA TYR A 137 -19.56 3.91 -3.38
C TYR A 137 -19.88 3.75 -4.87
N SER A 138 -19.27 2.75 -5.48
CA SER A 138 -19.58 2.37 -6.86
C SER A 138 -19.42 0.86 -6.97
N SER A 139 -20.49 0.16 -7.35
CA SER A 139 -20.39 -1.28 -7.53
C SER A 139 -19.43 -1.64 -8.65
N SER A 140 -19.29 -0.77 -9.66
CA SER A 140 -18.39 -1.06 -10.76
C SER A 140 -16.94 -0.96 -10.34
N VAL A 141 -16.61 0.03 -9.51
CA VAL A 141 -15.25 0.12 -8.98
C VAL A 141 -14.96 -1.07 -8.09
N ASN A 142 -15.90 -1.43 -7.22
CA ASN A 142 -15.68 -2.58 -6.34
C ASN A 142 -15.48 -3.85 -7.15
N SER A 143 -16.29 -4.02 -8.20
CA SER A 143 -16.16 -5.22 -9.04
CA SER A 143 -16.16 -5.22 -9.04
C SER A 143 -14.80 -5.28 -9.71
N ALA A 144 -14.29 -4.13 -10.17
CA ALA A 144 -12.97 -4.12 -10.79
C ALA A 144 -11.89 -4.54 -9.79
N ALA A 145 -12.00 -4.08 -8.55
CA ALA A 145 -11.02 -4.49 -7.54
C ALA A 145 -11.16 -5.97 -7.23
N ALA A 146 -12.40 -6.48 -7.16
CA ALA A 146 -12.61 -7.91 -6.96
C ALA A 146 -12.02 -8.73 -8.10
N ARG A 147 -12.18 -8.26 -9.35
CA ARG A 147 -11.59 -8.97 -10.49
C ARG A 147 -10.09 -9.01 -10.37
N LEU A 148 -9.46 -7.89 -10.02
CA LEU A 148 -8.02 -7.85 -9.92
C LEU A 148 -7.52 -8.84 -8.87
N GLN A 149 -8.18 -8.88 -7.71
CA GLN A 149 -7.83 -9.86 -6.69
C GLN A 149 -8.02 -11.28 -7.20
N SER A 150 -9.17 -11.54 -7.83
CA SER A 150 -9.47 -12.88 -8.34
C SER A 150 -8.43 -13.34 -9.36
N SER A 151 -7.86 -12.42 -10.13
CA SER A 151 -6.88 -12.78 -11.15
C SER A 151 -5.55 -13.23 -10.55
N GLY A 152 -5.36 -13.09 -9.24
CA GLY A 152 -4.15 -13.56 -8.58
C GLY A 152 -3.24 -12.45 -8.10
N VAL A 153 -3.77 -11.26 -7.85
CA VAL A 153 -3.00 -10.11 -7.39
C VAL A 153 -3.48 -9.78 -5.98
N MET A 154 -2.53 -9.54 -5.07
CA MET A 154 -2.90 -9.11 -3.73
C MET A 154 -3.26 -7.63 -3.79
N VAL A 155 -4.53 -7.29 -3.63
CA VAL A 155 -5.00 -5.92 -3.79
C VAL A 155 -5.13 -5.28 -2.41
N ALA A 156 -4.41 -4.19 -2.19
CA ALA A 156 -4.53 -3.38 -0.99
C ALA A 156 -5.11 -2.02 -1.39
N VAL A 157 -6.14 -1.57 -0.67
CA VAL A 157 -6.81 -0.32 -1.00
C VAL A 157 -6.96 0.55 0.24
N ALA A 158 -6.94 1.86 0.04
CA ALA A 158 -7.12 2.80 1.14
C ALA A 158 -8.55 2.78 1.66
N ALA A 159 -8.69 2.88 2.99
CA ALA A 159 -10.04 2.95 3.57
C ALA A 159 -10.73 4.28 3.28
N GLY A 160 -9.96 5.35 3.06
CA GLY A 160 -10.49 6.69 2.87
C GLY A 160 -10.27 7.57 4.09
N ASN A 161 -10.34 8.88 3.87
CA ASN A 161 -9.92 9.90 4.83
C ASN A 161 -11.08 10.79 5.30
N ASN A 162 -12.26 10.19 5.49
CA ASN A 162 -13.48 10.92 5.81
C ASN A 162 -13.90 10.79 7.26
N ASN A 163 -13.09 10.15 8.11
CA ASN A 163 -13.48 9.83 9.49
C ASN A 163 -14.91 9.29 9.54
N ALA A 164 -15.18 8.33 8.65
CA ALA A 164 -16.52 7.79 8.46
C ALA A 164 -16.44 6.30 8.18
N ASP A 165 -17.61 5.67 8.09
CA ASP A 165 -17.64 4.25 7.78
C ASP A 165 -17.25 4.03 6.33
N ALA A 166 -16.24 3.18 6.11
CA ALA A 166 -15.73 2.87 4.77
C ALA A 166 -16.73 2.14 3.89
N ARG A 167 -17.86 1.68 4.45
CA ARG A 167 -18.87 1.02 3.63
C ARG A 167 -19.41 1.92 2.52
N ASN A 168 -19.24 3.24 2.65
CA ASN A 168 -19.79 4.18 1.68
C ASN A 168 -18.76 4.69 0.69
N TYR A 169 -17.63 3.99 0.56
CA TYR A 169 -16.54 4.42 -0.30
C TYR A 169 -16.03 3.23 -1.10
N SER A 170 -15.45 3.52 -2.27
CA SER A 170 -14.95 2.49 -3.16
C SER A 170 -13.57 2.87 -3.66
N PRO A 171 -12.68 1.88 -3.85
CA PRO A 171 -12.89 0.45 -3.64
C PRO A 171 -12.80 -0.03 -2.18
N ALA A 172 -12.72 0.89 -1.22
CA ALA A 172 -12.64 0.50 0.20
C ALA A 172 -13.68 -0.53 0.60
N SER A 173 -14.92 -0.39 0.11
CA SER A 173 -15.97 -1.26 0.61
C SER A 173 -16.02 -2.62 -0.09
N GLU A 174 -15.13 -2.90 -1.03
CA GLU A 174 -15.13 -4.21 -1.68
C GLU A 174 -14.64 -5.26 -0.69
N PRO A 175 -15.45 -6.26 -0.32
CA PRO A 175 -15.02 -7.15 0.76
C PRO A 175 -13.88 -8.09 0.41
N SER A 176 -13.62 -8.38 -0.85
CA SER A 176 -12.60 -9.37 -1.18
C SER A 176 -11.18 -8.81 -1.28
N VAL A 177 -10.98 -7.51 -1.18
CA VAL A 177 -9.66 -6.90 -1.19
C VAL A 177 -9.29 -6.47 0.22
N CYS A 178 -8.04 -6.07 0.42
CA CYS A 178 -7.53 -5.72 1.73
C CYS A 178 -7.70 -4.21 1.95
N THR A 179 -8.62 -3.84 2.82
CA THR A 179 -8.93 -2.43 3.06
C THR A 179 -8.17 -1.93 4.28
N VAL A 180 -7.40 -0.86 4.09
CA VAL A 180 -6.35 -0.43 5.02
C VAL A 180 -6.71 0.91 5.64
N GLY A 181 -6.83 0.94 6.98
CA GLY A 181 -6.95 2.19 7.71
C GLY A 181 -5.60 2.73 8.16
N ALA A 182 -5.60 3.95 8.70
CA ALA A 182 -4.37 4.65 9.07
C ALA A 182 -4.26 4.84 10.57
N SER A 183 -3.03 4.71 11.08
CA SER A 183 -2.69 4.98 12.48
C SER A 183 -1.56 6.00 12.56
N ASP A 184 -1.41 6.59 13.74
CA ASP A 184 -0.35 7.56 14.01
C ASP A 184 0.73 6.95 14.92
N ARG A 185 1.79 7.73 15.15
CA ARG A 185 2.96 7.19 15.83
C ARG A 185 2.72 6.91 17.31
N TYR A 186 1.60 7.35 17.86
CA TYR A 186 1.21 7.03 19.22
C TYR A 186 0.17 5.92 19.28
N ASP A 187 0.01 5.18 18.19
CA ASP A 187 -0.93 4.06 18.11
C ASP A 187 -2.38 4.48 18.27
N ARG A 188 -2.72 5.72 17.89
CA ARG A 188 -4.11 6.10 17.71
C ARG A 188 -4.53 5.88 16.27
N ARG A 189 -5.80 5.53 16.06
CA ARG A 189 -6.38 5.68 14.73
C ARG A 189 -6.15 7.10 14.27
N SER A 190 -5.63 7.26 13.06
CA SER A 190 -5.45 8.60 12.53
C SER A 190 -6.79 9.33 12.53
N SER A 191 -6.76 10.63 12.84
CA SER A 191 -8.02 11.33 13.09
C SER A 191 -8.93 11.33 11.87
N PHE A 192 -8.36 11.25 10.67
CA PHE A 192 -9.09 11.25 9.42
C PHE A 192 -9.45 9.85 8.91
N SER A 193 -8.93 8.80 9.52
CA SER A 193 -9.08 7.46 8.95
C SER A 193 -10.52 7.00 9.00
N ASN A 194 -11.03 6.49 7.89
CA ASN A 194 -12.28 5.76 7.92
C ASN A 194 -12.12 4.49 8.77
N TYR A 195 -13.25 3.89 9.11
CA TYR A 195 -13.33 2.74 10.00
C TYR A 195 -14.50 1.88 9.53
N GLY A 196 -14.84 0.87 10.31
CA GLY A 196 -16.00 0.06 10.05
C GLY A 196 -15.66 -1.40 9.82
N SER A 197 -16.74 -2.18 9.64
CA SER A 197 -16.61 -3.63 9.49
C SER A 197 -15.81 -4.04 8.27
N VAL A 198 -15.70 -3.18 7.25
CA VAL A 198 -14.99 -3.58 6.04
C VAL A 198 -13.48 -3.43 6.15
N LEU A 199 -12.98 -2.77 7.20
CA LEU A 199 -11.54 -2.65 7.35
C LEU A 199 -10.92 -4.01 7.69
N ASP A 200 -9.78 -4.30 7.07
CA ASP A 200 -9.03 -5.51 7.38
C ASP A 200 -7.86 -5.28 8.32
N ILE A 201 -7.26 -4.10 8.30
CA ILE A 201 -5.95 -3.89 8.90
C ILE A 201 -5.69 -2.40 8.95
N PHE A 202 -4.86 -1.97 9.89
CA PHE A 202 -4.33 -0.62 9.95
C PHE A 202 -2.84 -0.62 9.66
N GLY A 203 -2.38 0.46 9.05
CA GLY A 203 -0.96 0.69 8.89
C GLY A 203 -0.62 2.13 9.19
N PRO A 204 0.67 2.42 9.34
CA PRO A 204 1.08 3.82 9.63
C PRO A 204 0.65 4.76 8.51
N GLY A 205 -0.04 5.84 8.90
CA GLY A 205 -0.57 6.77 7.91
C GLY A 205 -0.44 8.25 8.24
N THR A 206 -0.07 8.61 9.46
CA THR A 206 0.10 10.02 9.83
C THR A 206 1.59 10.36 9.82
N ASP A 207 1.95 11.41 9.07
CA ASP A 207 3.32 11.93 9.07
C ASP A 207 4.31 10.88 8.56
N ILE A 208 4.12 10.47 7.32
CA ILE A 208 4.90 9.42 6.67
C ILE A 208 5.88 10.06 5.68
N LEU A 209 7.17 9.91 5.97
CA LEU A 209 8.22 10.39 5.08
C LEU A 209 8.46 9.42 3.94
N SER A 210 8.52 9.93 2.71
CA SER A 210 8.78 9.09 1.56
C SER A 210 9.30 9.95 0.42
N THR A 211 9.53 9.29 -0.72
CA THR A 211 10.00 9.97 -1.93
C THR A 211 8.95 10.94 -2.48
N TRP A 212 9.43 11.94 -3.21
CA TRP A 212 8.58 12.89 -3.89
C TRP A 212 9.22 13.24 -5.22
N ILE A 213 8.46 13.91 -6.08
CA ILE A 213 8.96 14.25 -7.40
C ILE A 213 10.08 15.29 -7.30
N GLY A 214 10.83 15.43 -8.39
CA GLY A 214 12.01 16.26 -8.36
C GLY A 214 13.14 15.68 -7.55
N GLY A 215 13.16 14.36 -7.37
CA GLY A 215 14.21 13.72 -6.59
C GLY A 215 14.23 14.11 -5.13
N SER A 216 13.08 14.46 -4.58
CA SER A 216 12.99 15.04 -3.25
C SER A 216 12.34 14.05 -2.29
N THR A 217 12.03 14.50 -1.09
CA THR A 217 11.30 13.73 -0.10
C THR A 217 10.37 14.66 0.67
N ARG A 218 9.30 14.10 1.21
CA ARG A 218 8.45 14.87 2.11
C ARG A 218 7.57 13.94 2.92
N SER A 219 7.00 14.50 3.97
CA SER A 219 6.11 13.80 4.88
CA SER A 219 6.11 13.79 4.87
C SER A 219 4.69 14.26 4.62
N ILE A 220 3.79 13.30 4.38
CA ILE A 220 2.37 13.59 4.22
C ILE A 220 1.57 12.51 4.96
N SER A 221 0.25 12.74 5.08
CA SER A 221 -0.62 11.88 5.89
C SER A 221 -1.83 11.44 5.08
N GLY A 222 -2.29 10.23 5.35
CA GLY A 222 -3.51 9.72 4.76
C GLY A 222 -3.57 8.21 4.81
N THR A 223 -4.79 7.69 4.57
CA THR A 223 -4.87 6.25 4.35
C THR A 223 -4.14 5.84 3.07
N SER A 224 -3.88 6.81 2.18
CA SER A 224 -3.03 6.58 1.02
C SER A 224 -1.62 6.19 1.42
N MET A 225 -1.17 6.64 2.60
CA MET A 225 0.17 6.32 3.09
C MET A 225 0.18 4.99 3.84
N ALA A 226 -0.94 4.63 4.46
CA ALA A 226 -1.00 3.35 5.17
C ALA A 226 -1.06 2.20 4.19
N THR A 227 -1.79 2.37 3.09
CA THR A 227 -1.99 1.31 2.09
C THR A 227 -0.68 0.74 1.57
N PRO A 228 0.29 1.56 1.12
CA PRO A 228 1.54 0.98 0.61
C PRO A 228 2.39 0.31 1.68
N HIS A 229 2.22 0.65 2.97
CA HIS A 229 2.88 -0.14 4.00
C HIS A 229 2.40 -1.58 3.95
N VAL A 230 1.08 -1.77 3.79
CA VAL A 230 0.49 -3.10 3.74
C VAL A 230 0.85 -3.80 2.43
N ALA A 231 0.80 -3.06 1.32
CA ALA A 231 1.20 -3.67 0.04
C ALA A 231 2.66 -4.11 0.09
N GLY A 232 3.54 -3.26 0.60
CA GLY A 232 4.94 -3.66 0.73
C GLY A 232 5.11 -4.84 1.66
N LEU A 233 4.37 -4.86 2.77
CA LEU A 233 4.46 -5.99 3.69
C LEU A 233 4.01 -7.28 3.03
N ALA A 234 2.94 -7.22 2.25
CA ALA A 234 2.51 -8.41 1.52
C ALA A 234 3.61 -8.91 0.59
N ALA A 235 4.24 -8.00 -0.17
CA ALA A 235 5.30 -8.41 -1.08
C ALA A 235 6.44 -9.06 -0.33
N TYR A 236 6.84 -8.46 0.79
CA TYR A 236 7.88 -9.00 1.64
C TYR A 236 7.53 -10.41 2.13
N LEU A 237 6.29 -10.61 2.59
CA LEU A 237 5.90 -11.91 3.13
C LEU A 237 5.75 -12.95 2.03
N MET A 238 5.30 -12.54 0.85
CA MET A 238 5.22 -13.45 -0.29
C MET A 238 6.62 -13.92 -0.73
N THR A 239 7.59 -13.00 -0.77
CA THR A 239 8.96 -13.40 -1.07
C THR A 239 9.48 -14.41 -0.07
N LEU A 240 9.12 -14.27 1.21
CA LEU A 240 9.55 -15.22 2.23
C LEU A 240 8.79 -16.54 2.15
N GLY A 241 7.75 -16.63 1.32
CA GLY A 241 7.00 -17.86 1.22
C GLY A 241 5.98 -18.06 2.32
N LYS A 242 5.73 -17.04 3.14
CA LYS A 242 4.80 -17.18 4.25
C LYS A 242 3.36 -17.15 3.80
N THR A 243 3.09 -16.59 2.63
CA THR A 243 1.71 -16.41 2.20
C THR A 243 1.70 -16.25 0.68
N THR A 244 0.49 -16.14 0.13
CA THR A 244 0.26 -16.00 -1.30
C THR A 244 -0.62 -14.78 -1.52
N ALA A 245 -0.76 -14.37 -2.78
CA ALA A 245 -1.61 -13.23 -3.09
C ALA A 245 -3.04 -13.43 -2.57
N ALA A 246 -3.56 -14.65 -2.67
CA ALA A 246 -4.95 -14.90 -2.27
C ALA A 246 -5.14 -14.84 -0.77
N SER A 247 -4.10 -15.17 0.01
CA SER A 247 -4.24 -15.29 1.45
CA SER A 247 -4.22 -15.31 1.45
C SER A 247 -3.49 -14.23 2.23
N ALA A 248 -2.82 -13.29 1.56
CA ALA A 248 -1.92 -12.37 2.25
C ALA A 248 -2.65 -11.45 3.21
N CYS A 249 -3.83 -10.93 2.84
CA CYS A 249 -4.54 -10.04 3.74
C CYS A 249 -4.93 -10.77 5.02
N ARG A 250 -5.42 -11.99 4.90
CA ARG A 250 -5.79 -12.76 6.09
C ARG A 250 -4.57 -13.16 6.89
N TYR A 251 -3.44 -13.46 6.22
CA TYR A 251 -2.21 -13.75 6.96
C TYR A 251 -1.72 -12.53 7.73
N ILE A 252 -1.76 -11.35 7.09
CA ILE A 252 -1.38 -10.11 7.76
C ILE A 252 -2.29 -9.85 8.96
N ALA A 253 -3.59 -10.09 8.80
CA ALA A 253 -4.50 -9.94 9.94
C ALA A 253 -4.18 -10.97 11.03
N ASP A 254 -3.93 -12.23 10.64
CA ASP A 254 -3.60 -13.30 11.59
C ASP A 254 -2.41 -12.92 12.46
N THR A 255 -1.42 -12.27 11.87
CA THR A 255 -0.13 -12.04 12.49
C THR A 255 0.05 -10.61 12.98
N ALA A 256 -0.99 -9.79 12.89
CA ALA A 256 -0.91 -8.38 13.25
C ALA A 256 -0.75 -8.22 14.77
N ASN A 257 -0.26 -7.03 15.16
CA ASN A 257 -0.37 -6.63 16.56
C ASN A 257 -1.84 -6.35 16.85
N LYS A 258 -2.38 -7.03 17.86
CA LYS A 258 -3.82 -7.01 18.13
C LYS A 258 -4.09 -6.20 19.40
N GLY A 259 -5.06 -5.28 19.31
CA GLY A 259 -5.54 -4.55 20.46
C GLY A 259 -4.64 -3.42 20.92
N ASP A 260 -3.70 -2.97 20.10
CA ASP A 260 -2.76 -1.93 20.50
C ASP A 260 -3.21 -0.53 20.13
N LEU A 261 -4.18 -0.39 19.24
CA LEU A 261 -4.60 0.92 18.77
C LEU A 261 -5.69 1.48 19.66
N SER A 262 -5.71 2.80 19.79
CA SER A 262 -6.76 3.50 20.51
C SER A 262 -7.67 4.21 19.52
N ASN A 263 -8.83 4.61 20.01
CA ASN A 263 -9.84 5.32 19.22
C ASN A 263 -10.34 4.48 18.05
N ILE A 264 -10.45 3.17 18.26
CA ILE A 264 -11.03 2.24 17.30
C ILE A 264 -12.48 2.02 17.70
N PRO A 265 -13.46 2.38 16.88
CA PRO A 265 -14.86 2.15 17.28
C PRO A 265 -15.18 0.67 17.34
N PHE A 266 -16.09 0.33 18.25
CA PHE A 266 -16.55 -1.04 18.37
C PHE A 266 -16.99 -1.54 17.00
N GLY A 267 -16.56 -2.76 16.64
CA GLY A 267 -16.90 -3.34 15.35
C GLY A 267 -15.86 -3.15 14.28
N THR A 268 -14.84 -2.33 14.54
CA THR A 268 -13.71 -2.18 13.64
C THR A 268 -12.55 -3.00 14.19
N VAL A 269 -11.85 -3.72 13.30
CA VAL A 269 -10.70 -4.50 13.74
C VAL A 269 -9.69 -3.61 14.45
N ASN A 270 -9.08 -4.14 15.49
CA ASN A 270 -7.96 -3.50 16.17
C ASN A 270 -6.71 -4.31 15.84
N LEU A 271 -6.18 -4.08 14.63
CA LEU A 271 -5.11 -4.89 14.09
C LEU A 271 -4.16 -3.96 13.35
N LEU A 272 -2.87 -4.03 13.71
CA LEU A 272 -1.84 -3.16 13.14
C LEU A 272 -0.80 -4.04 12.46
N ALA A 273 -0.53 -3.75 11.18
CA ALA A 273 0.37 -4.57 10.37
C ALA A 273 1.71 -4.75 11.06
N TYR A 274 2.21 -5.99 11.05
CA TYR A 274 3.42 -6.36 11.78
C TYR A 274 4.13 -7.48 11.03
N ASN A 275 5.45 -7.35 10.86
CA ASN A 275 6.19 -8.33 10.08
C ASN A 275 6.69 -9.54 10.86
N ASN A 276 6.55 -9.54 12.18
CA ASN A 276 6.94 -10.69 13.01
CA ASN A 276 6.93 -10.68 13.01
C ASN A 276 8.38 -11.11 12.75
N TYR A 277 9.25 -10.16 12.42
CA TYR A 277 10.62 -10.52 12.12
C TYR A 277 11.34 -10.90 13.41
N GLN A 278 12.07 -12.01 13.36
CA GLN A 278 12.89 -12.44 14.48
C GLN A 278 14.33 -12.59 14.01
N ALA A 279 15.23 -11.82 14.64
CA ALA A 279 16.63 -11.81 14.27
C ALA A 279 17.27 -13.20 14.39
N NO3 B . 4.34 4.32 -20.05
O1 NO3 B . 4.26 3.18 -20.57
O2 NO3 B . 3.58 4.62 -19.08
O3 NO3 B . 5.19 5.16 -20.48
N NO3 C . -2.36 14.86 -16.30
O1 NO3 C . -2.51 14.99 -17.56
O2 NO3 C . -1.75 13.87 -15.85
O3 NO3 C . -2.84 15.74 -15.53
N NO3 D . -7.78 7.63 -0.35
O1 NO3 D . -8.92 7.08 -0.34
O2 NO3 D . -7.19 7.92 0.73
O3 NO3 D . -7.21 7.89 -1.45
C1 EDO E . -7.00 15.68 3.82
O1 EDO E . -7.05 15.96 5.21
C2 EDO E . -5.61 16.08 3.35
O2 EDO E . -4.84 16.31 4.53
C1 EDO F . -9.96 8.66 -7.04
O1 EDO F . -11.33 8.25 -7.03
C2 EDO F . -9.84 9.92 -7.90
O2 EDO F . -10.71 10.94 -7.38
CA CA G . -11.44 -7.41 2.97
N1 NYN H . -11.24 -8.28 3.18
C4 NYN H . -14.81 -9.08 4.73
C5 NYN H . -13.72 -11.27 6.17
C6 NYN H . -13.12 -10.88 7.36
C7 NYN H . -12.41 -8.37 8.24
C8 NYN H . -13.14 -7.41 7.56
C1 NYN H . -10.33 -9.28 2.50
C2 NYN H . -9.93 -10.24 3.04
C3 NYN H . -14.60 -7.81 5.25
N2 NYN H . -10.15 -10.46 4.52
S1 NYN H . -12.97 -7.30 5.78
S2 NYN H . -13.41 -10.27 4.67
S3 NYN H . -11.73 -9.76 7.32
RU NYN H . -11.60 -9.02 5.18
H2 NYN H . -15.14 -8.98 3.82
H3 NYN H . -15.52 -9.50 5.25
H4 NYN H . -13.45 -12.18 5.98
H5 NYN H . -14.68 -11.28 6.32
H6 NYN H . -13.80 -10.48 7.92
H7 NYN H . -12.83 -11.69 7.82
H8 NYN H . -11.67 -7.93 8.69
H9 NYN H . -12.99 -8.74 8.93
H10 NYN H . -12.89 -6.56 7.94
H11 NYN H . -14.07 -7.56 7.77
H12 NYN H . -10.81 -9.59 1.71
H13 NYN H . -9.57 -8.78 2.17
H14 NYN H . -10.30 -11.01 2.58
H15 NYN H . -8.98 -10.26 2.89
H16 NYN H . -15.20 -7.70 6.01
H17 NYN H . -14.89 -7.17 4.57
H031 NYN H . -12.02 -8.21 2.75
H032 NYN H . -10.85 -7.49 3.22
H041 NYN H . -10.45 -11.29 4.67
H042 NYN H . -9.39 -10.36 4.97
NA NA I . -0.59 -5.92 22.88
N1 NYN J . -0.89 -5.80 22.88
C4 NYN J . 0.50 -4.35 26.10
C5 NYN J . 2.96 -3.77 24.78
C6 NYN J . 3.18 -2.80 23.80
C7 NYN J . 1.04 -1.05 23.86
C8 NYN J . -0.24 -1.23 24.31
C1 NYN J . -0.32 -6.76 21.84
C2 NYN J . 0.64 -6.51 21.22
C3 NYN J . -0.53 -3.43 25.93
N2 NYN J . 1.48 -5.28 21.50
S1 NYN J . -0.97 -2.86 24.29
S2 NYN J . 1.48 -4.83 24.62
S3 NYN J . 1.80 -2.29 22.80
RU NYN J . 0.33 -4.04 22.84
H2 NYN J . 0.12 -5.15 26.47
H3 NYN J . 1.12 -4.00 26.75
H4 NYN J . 3.74 -4.35 24.81
H5 NYN J . 2.92 -3.31 25.64
H6 NYN J . 3.55 -2.02 24.23
H7 NYN J . 3.87 -3.14 23.20
H8 NYN J . 1.06 -0.21 23.38
H9 NYN J . 1.61 -0.95 24.63
H10 NYN J . -0.82 -0.65 23.80
H11 NYN J . -0.26 -0.92 25.23
H12 NYN J . -0.15 -7.60 22.30
H13 NYN J . -1.03 -6.94 21.21
H14 NYN J . 1.24 -7.28 21.30
H15 NYN J . 0.38 -6.47 20.29
H16 NYN J . -0.30 -2.65 26.45
H17 NYN J . -1.33 -3.82 26.33
H031 NYN J . -0.88 -6.18 23.69
H032 NYN J . -1.73 -5.61 22.68
H041 NYN J . 2.25 -5.50 21.88
H042 NYN J . 1.64 -4.84 20.75
FAC TFS K . -13.11 5.02 18.74
CAD TFS K . -13.54 6.23 18.54
FAG TFS K . -13.55 6.48 17.25
FAA TFS K . -12.73 7.15 19.20
SAE TFS K . -15.36 6.36 19.19
OAH TFS K . -15.39 6.02 20.68
OAF TFS K . -15.88 7.78 18.97
OAB TFS K . -16.25 5.36 18.43
#